data_3GH7
#
_entry.id   3GH7
#
_cell.length_a   95.667
_cell.length_b   102.123
_cell.length_c   108.074
_cell.angle_alpha   90.00
_cell.angle_beta   90.00
_cell.angle_gamma   90.00
#
_symmetry.space_group_name_H-M   'C 2 2 21'
#
loop_
_entity.id
_entity.type
_entity.pdbx_description
1 polymer beta-hexosaminidase
2 non-polymer 'SULFATE ION'
3 non-polymer 2-acetamido-2-deoxy-beta-D-galactopyranose
4 water water
#
_entity_poly.entity_id   1
_entity_poly.type   'polypeptide(L)'
_entity_poly.pdbx_seq_one_letter_code
;MGSSHHHHHHSSGLVPRGSHMASMMSFIPESASASTSQPSILPKPVSYTVGSGQFVLTKNASIFVAGNNVGETDELFNIG
QALAKKLNASTGYTISVVKSNQPTAGSIYLTTVGGNAALGNEGYDLITTSNQVTLTANKPEGVFRGNQTLLQLLPAGIEK
NTVVSGVQWVIPHSNISDKPEYEYRGLMLDVARHFFTVDEVKRQIDLASQYKINKFHMHLSDDQGWRIEIKSWPDLIEIG
SKGQVGGGPGGYYTQEQFKDIVSYAAERYIEVIPEIDMPGHTNAALASYGELNPDGKRKAMRTDTAVGYSTLMPRAEITY
QFVEDVISELAAISPSPYIHLGGDESNATSAADYDYFFGRVTAIANSYGKKVVGWDPSDTSSGATSDSVLQNWTCSASTG
TAAKAKGMKVIVSPANAYLDMKYYSDSPIGLQWRGFVNTNRAYNWDPTDCIKGANIYGVESTLWTETFVTQDHLDYMLYP
KLLSNAEVGWTARGDRNWDDFKERLIEHTPRLQNKGIKFFADPIV
;
_entity_poly.pdbx_strand_id   A
#
loop_
_chem_comp.id
_chem_comp.type
_chem_comp.name
_chem_comp.formula
NGA D-saccharide, beta linking 2-acetamido-2-deoxy-beta-D-galactopyranose 'C8 H15 N O6'
SO4 non-polymer 'SULFATE ION' 'O4 S -2'
#
# COMPACT_ATOMS: atom_id res chain seq x y z
N HIS A 7 -31.62 -24.35 -3.75
CA HIS A 7 -30.54 -23.75 -4.59
C HIS A 7 -29.20 -24.47 -4.49
N HIS A 8 -28.44 -24.42 -5.59
CA HIS A 8 -27.18 -25.15 -5.73
C HIS A 8 -26.04 -24.16 -5.75
N HIS A 9 -24.95 -24.51 -5.05
CA HIS A 9 -23.79 -23.63 -4.90
C HIS A 9 -22.51 -24.47 -5.07
N HIS A 10 -21.42 -23.80 -5.43
CA HIS A 10 -20.12 -24.47 -5.57
C HIS A 10 -18.94 -23.51 -5.33
N SER A 11 -17.77 -24.08 -5.02
CA SER A 11 -16.55 -23.31 -4.94
C SER A 11 -15.72 -23.49 -6.22
N SER A 12 -14.77 -22.60 -6.40
CA SER A 12 -13.96 -22.54 -7.61
C SER A 12 -12.83 -23.57 -7.61
N GLY A 13 -12.63 -24.24 -8.74
CA GLY A 13 -11.44 -25.07 -8.95
C GLY A 13 -10.52 -24.38 -9.95
N LEU A 14 -9.43 -25.04 -10.32
CA LEU A 14 -8.57 -24.50 -11.38
C LEU A 14 -9.28 -24.54 -12.73
N VAL A 15 -8.94 -23.57 -13.58
CA VAL A 15 -9.56 -23.48 -14.89
C VAL A 15 -9.06 -24.58 -15.83
N PRO A 16 -9.99 -25.33 -16.45
CA PRO A 16 -9.59 -26.30 -17.45
C PRO A 16 -8.76 -25.66 -18.56
N ARG A 17 -7.64 -26.32 -18.88
CA ARG A 17 -6.76 -25.93 -19.98
C ARG A 17 -5.91 -24.68 -19.66
N GLY A 18 -5.87 -24.28 -18.39
CA GLY A 18 -4.94 -23.26 -17.94
C GLY A 18 -5.57 -21.90 -17.62
N SER A 19 -4.73 -21.03 -17.05
CA SER A 19 -5.16 -19.69 -16.67
C SER A 19 -5.69 -18.88 -17.87
N HIS A 20 -6.80 -18.17 -17.66
CA HIS A 20 -7.25 -17.16 -18.63
C HIS A 20 -6.31 -15.95 -18.73
N MET A 21 -5.52 -15.71 -17.69
CA MET A 21 -4.51 -14.64 -17.72
C MET A 21 -3.28 -15.00 -18.54
N ALA A 22 -3.25 -16.22 -19.07
CA ALA A 22 -2.16 -16.67 -19.93
C ALA A 22 -2.48 -16.39 -21.40
N THR A 36 -19.02 -2.52 -27.84
CA THR A 36 -18.66 -1.17 -28.26
C THR A 36 -17.54 -0.59 -27.39
N SER A 37 -17.40 -1.13 -26.18
CA SER A 37 -16.43 -0.63 -25.18
C SER A 37 -16.43 -1.52 -23.92
N GLN A 38 -15.25 -1.79 -23.36
CA GLN A 38 -15.12 -2.61 -22.12
C GLN A 38 -14.20 -2.03 -21.00
N PRO A 39 -14.75 -1.11 -20.19
CA PRO A 39 -14.08 -0.62 -18.98
C PRO A 39 -13.75 -1.73 -17.99
N SER A 40 -12.63 -1.58 -17.27
CA SER A 40 -12.24 -2.61 -16.32
C SER A 40 -11.95 -2.01 -14.93
N ILE A 41 -13.04 -1.76 -14.18
CA ILE A 41 -12.90 -1.04 -12.91
C ILE A 41 -12.60 -1.98 -11.74
N LEU A 42 -11.46 -1.74 -11.12
CA LEU A 42 -10.98 -2.55 -10.04
C LEU A 42 -10.28 -1.61 -9.08
N PRO A 43 -10.73 -1.52 -7.81
CA PRO A 43 -11.82 -2.25 -7.14
C PRO A 43 -13.19 -1.92 -7.72
N LYS A 44 -14.15 -2.82 -7.55
CA LYS A 44 -15.54 -2.58 -7.96
C LYS A 44 -16.10 -1.37 -7.20
N PRO A 45 -16.67 -0.40 -7.95
CA PRO A 45 -17.23 0.83 -7.38
C PRO A 45 -18.64 0.61 -6.81
N VAL A 46 -19.10 1.54 -5.98
CA VAL A 46 -20.40 1.38 -5.32
C VAL A 46 -21.53 1.21 -6.36
N SER A 47 -21.48 2.00 -7.43
CA SER A 47 -22.42 1.80 -8.54
C SER A 47 -21.80 2.20 -9.87
N TYR A 48 -22.28 1.56 -10.93
CA TYR A 48 -21.76 1.76 -12.26
C TYR A 48 -22.88 1.41 -13.22
N THR A 49 -23.38 2.39 -13.95
CA THR A 49 -24.38 2.11 -14.99
C THR A 49 -23.88 2.72 -16.28
N VAL A 50 -24.24 2.11 -17.41
CA VAL A 50 -23.89 2.68 -18.71
C VAL A 50 -25.16 2.97 -19.52
N GLY A 51 -25.10 4.06 -20.29
CA GLY A 51 -26.23 4.50 -21.10
C GLY A 51 -25.79 4.40 -22.54
N SER A 52 -26.54 5.05 -23.42
CA SER A 52 -26.20 4.99 -24.83
C SER A 52 -25.25 6.12 -25.17
N GLY A 53 -24.37 5.85 -26.12
CA GLY A 53 -23.43 6.84 -26.60
C GLY A 53 -22.08 6.66 -25.96
N GLN A 54 -21.16 7.53 -26.35
CA GLN A 54 -19.78 7.47 -25.89
C GLN A 54 -19.11 8.84 -26.02
N PHE A 55 -18.12 9.03 -25.17
CA PHE A 55 -17.22 10.17 -25.20
C PHE A 55 -15.99 9.70 -25.97
N VAL A 56 -15.44 10.59 -26.79
CA VAL A 56 -14.20 10.30 -27.50
C VAL A 56 -13.12 11.28 -27.02
N LEU A 57 -12.01 10.74 -26.51
CA LEU A 57 -10.84 11.55 -26.19
C LEU A 57 -10.00 11.81 -27.44
N THR A 58 -9.91 13.07 -27.86
CA THR A 58 -9.16 13.43 -29.08
C THR A 58 -7.96 14.32 -28.71
N LYS A 59 -7.12 14.60 -29.71
CA LYS A 59 -5.86 15.32 -29.49
C LYS A 59 -6.05 16.75 -29.01
N ASN A 60 -7.27 17.25 -29.17
CA ASN A 60 -7.63 18.59 -28.75
C ASN A 60 -8.29 18.70 -27.38
N ALA A 61 -8.39 17.59 -26.67
CA ALA A 61 -8.96 17.61 -25.32
C ALA A 61 -8.08 18.40 -24.34
N SER A 62 -8.75 19.12 -23.44
CA SER A 62 -8.09 19.73 -22.27
C SER A 62 -8.73 19.17 -20.99
N ILE A 63 -8.00 19.25 -19.88
CA ILE A 63 -8.55 18.95 -18.56
C ILE A 63 -8.85 20.28 -17.89
N PHE A 64 -10.10 20.48 -17.48
CA PHE A 64 -10.48 21.69 -16.76
C PHE A 64 -10.61 21.35 -15.29
N VAL A 65 -10.15 22.25 -14.41
CA VAL A 65 -10.21 22.02 -12.96
C VAL A 65 -10.87 23.20 -12.27
N ALA A 66 -11.68 22.91 -11.24
CA ALA A 66 -12.41 23.97 -10.51
C ALA A 66 -12.70 23.54 -9.09
N GLY A 67 -12.15 24.27 -8.12
CA GLY A 67 -12.36 23.98 -6.70
C GLY A 67 -13.14 25.11 -6.07
N ASN A 68 -13.37 25.03 -4.77
CA ASN A 68 -14.22 26.02 -4.09
C ASN A 68 -13.52 27.34 -3.83
N ASN A 69 -12.20 27.31 -3.95
CA ASN A 69 -11.37 28.50 -3.79
C ASN A 69 -10.11 28.29 -4.58
N VAL A 70 -9.31 29.35 -4.69
CA VAL A 70 -8.10 29.30 -5.50
C VAL A 70 -7.09 28.26 -5.02
N GLY A 71 -6.94 28.09 -3.70
CA GLY A 71 -5.97 27.13 -3.17
C GLY A 71 -6.36 25.71 -3.54
N GLU A 72 -7.65 25.42 -3.45
CA GLU A 72 -8.17 24.11 -3.83
C GLU A 72 -8.08 23.89 -5.35
N THR A 73 -8.39 24.91 -6.12
CA THR A 73 -8.20 24.83 -7.58
C THR A 73 -6.73 24.53 -7.91
N ASP A 74 -5.80 25.19 -7.24
CA ASP A 74 -4.36 24.92 -7.48
C ASP A 74 -3.97 23.45 -7.20
N GLU A 75 -4.57 22.86 -6.17
CA GLU A 75 -4.30 21.47 -5.82
C GLU A 75 -4.88 20.56 -6.89
N LEU A 76 -6.12 20.86 -7.32
CA LEU A 76 -6.74 20.11 -8.42
C LEU A 76 -5.93 20.26 -9.69
N PHE A 77 -5.31 21.42 -9.90
CA PHE A 77 -4.48 21.65 -11.09
C PHE A 77 -3.33 20.65 -11.16
N ASN A 78 -2.68 20.42 -10.02
CA ASN A 78 -1.61 19.42 -9.94
C ASN A 78 -2.11 18.01 -10.24
N ILE A 79 -3.29 17.69 -9.73
CA ILE A 79 -3.93 16.40 -10.01
C ILE A 79 -4.23 16.24 -11.50
N GLY A 80 -4.80 17.29 -12.10
CA GLY A 80 -5.05 17.34 -13.54
C GLY A 80 -3.79 17.10 -14.35
N GLN A 81 -2.69 17.73 -13.94
CA GLN A 81 -1.42 17.56 -14.64
C GLN A 81 -0.90 16.13 -14.54
N ALA A 82 -1.06 15.49 -13.37
CA ALA A 82 -0.70 14.07 -13.19
C ALA A 82 -1.54 13.18 -14.13
N LEU A 83 -2.82 13.47 -14.21
CA LEU A 83 -3.72 12.75 -15.14
C LEU A 83 -3.32 12.96 -16.61
N ALA A 84 -3.03 14.20 -16.99
CA ALA A 84 -2.59 14.53 -18.35
C ALA A 84 -1.31 13.79 -18.73
N LYS A 85 -0.36 13.74 -17.79
CA LYS A 85 0.88 13.01 -18.01
C LYS A 85 0.59 11.57 -18.43
N LYS A 86 -0.32 10.90 -17.71
CA LYS A 86 -0.63 9.47 -17.95
C LYS A 86 -1.33 9.26 -19.28
N LEU A 87 -2.33 10.11 -19.57
CA LEU A 87 -3.07 10.10 -20.82
C LEU A 87 -2.17 10.38 -22.02
N ASN A 88 -1.28 11.36 -21.89
CA ASN A 88 -0.39 11.74 -22.99
C ASN A 88 0.61 10.64 -23.38
N ALA A 89 1.07 9.87 -22.39
CA ALA A 89 2.07 8.83 -22.63
C ALA A 89 1.60 7.72 -23.58
N SER A 90 0.32 7.37 -23.52
CA SER A 90 -0.26 6.30 -24.35
C SER A 90 -0.95 6.84 -25.60
N THR A 91 -1.61 7.99 -25.50
CA THR A 91 -2.32 8.55 -26.66
C THR A 91 -1.35 9.24 -27.62
N GLY A 92 -0.25 9.73 -27.04
CA GLY A 92 0.70 10.57 -27.75
C GLY A 92 0.19 11.99 -27.90
N TYR A 93 -0.90 12.34 -27.19
CA TYR A 93 -1.39 13.72 -27.24
C TYR A 93 -0.59 14.64 -26.33
N THR A 94 -0.92 15.93 -26.33
CA THR A 94 -0.33 16.84 -25.36
C THR A 94 -1.46 17.59 -24.65
N ILE A 95 -2.28 16.83 -23.96
CA ILE A 95 -3.40 17.37 -23.18
C ILE A 95 -2.84 18.29 -22.10
N SER A 96 -3.38 19.50 -22.04
CA SER A 96 -2.99 20.45 -21.00
C SER A 96 -4.17 20.75 -20.06
N VAL A 97 -3.86 21.42 -18.95
CA VAL A 97 -4.81 21.63 -17.87
C VAL A 97 -5.11 23.12 -17.73
N VAL A 98 -6.39 23.41 -17.46
CA VAL A 98 -6.89 24.77 -17.51
C VAL A 98 -7.65 24.97 -16.21
N LYS A 99 -7.38 26.11 -15.55
CA LYS A 99 -8.16 26.49 -14.37
C LYS A 99 -9.40 27.26 -14.83
N SER A 100 -10.52 26.56 -14.90
CA SER A 100 -11.77 27.16 -15.36
C SER A 100 -12.90 26.22 -15.05
N ASN A 101 -14.06 26.78 -14.71
CA ASN A 101 -15.28 25.99 -14.55
C ASN A 101 -16.18 26.04 -15.81
N GLN A 102 -15.58 26.38 -16.95
CA GLN A 102 -16.34 26.40 -18.19
C GLN A 102 -15.75 25.42 -19.20
N PRO A 103 -15.82 24.11 -18.89
CA PRO A 103 -15.25 23.14 -19.81
C PRO A 103 -15.94 23.17 -21.16
N THR A 104 -15.14 22.85 -22.17
CA THR A 104 -15.50 22.93 -23.54
C THR A 104 -15.88 21.49 -23.99
N ALA A 105 -16.70 21.33 -25.05
CA ALA A 105 -17.00 19.98 -25.55
C ALA A 105 -15.72 19.19 -25.81
N GLY A 106 -15.73 17.90 -25.45
CA GLY A 106 -14.54 17.06 -25.52
C GLY A 106 -13.58 17.13 -24.33
N SER A 107 -13.94 17.88 -23.29
CA SER A 107 -13.08 18.10 -22.12
C SER A 107 -13.27 17.02 -21.06
N ILE A 108 -12.23 16.82 -20.26
CA ILE A 108 -12.38 16.21 -18.93
C ILE A 108 -12.48 17.34 -17.89
N TYR A 109 -13.43 17.23 -16.98
CA TYR A 109 -13.68 18.27 -15.98
C TYR A 109 -13.57 17.67 -14.58
N LEU A 110 -12.66 18.22 -13.78
CA LEU A 110 -12.41 17.75 -12.43
C LEU A 110 -12.82 18.86 -11.48
N THR A 111 -13.78 18.57 -10.59
CA THR A 111 -14.28 19.60 -9.69
C THR A 111 -14.62 19.09 -8.29
N THR A 112 -14.51 19.99 -7.30
CA THR A 112 -14.94 19.70 -5.94
C THR A 112 -16.10 20.62 -5.52
N VAL A 113 -16.64 21.36 -6.48
CA VAL A 113 -17.77 22.25 -6.21
C VAL A 113 -19.07 21.44 -6.21
N GLY A 114 -19.72 21.34 -5.05
CA GLY A 114 -20.98 20.59 -4.94
C GLY A 114 -20.84 19.09 -4.72
N GLY A 115 -19.66 18.65 -4.28
CA GLY A 115 -19.45 17.25 -3.92
C GLY A 115 -20.55 16.68 -3.02
N ASN A 116 -20.90 15.42 -3.25
CA ASN A 116 -21.85 14.72 -2.39
C ASN A 116 -21.17 14.30 -1.09
N ALA A 117 -21.43 15.03 0.01
CA ALA A 117 -20.75 14.81 1.30
C ALA A 117 -20.82 13.38 1.84
N ALA A 118 -21.88 12.66 1.49
CA ALA A 118 -22.05 11.28 1.91
C ALA A 118 -20.93 10.37 1.37
N LEU A 119 -20.26 10.80 0.30
CA LEU A 119 -19.16 10.01 -0.26
C LEU A 119 -17.82 10.17 0.48
N GLY A 120 -17.74 11.13 1.40
CA GLY A 120 -16.54 11.30 2.22
C GLY A 120 -15.34 11.83 1.45
N ASN A 121 -14.19 11.88 2.14
CA ASN A 121 -12.96 12.46 1.58
C ASN A 121 -12.46 11.75 0.32
N GLU A 122 -12.69 10.44 0.23
CA GLU A 122 -12.16 9.67 -0.89
C GLU A 122 -13.17 9.32 -2.00
N GLY A 123 -14.45 9.68 -1.79
CA GLY A 123 -15.49 9.32 -2.75
C GLY A 123 -15.66 10.36 -3.84
N TYR A 124 -16.44 10.01 -4.87
CA TYR A 124 -16.56 10.83 -6.04
C TYR A 124 -17.73 10.31 -6.88
N ASP A 125 -18.29 11.20 -7.69
CA ASP A 125 -19.15 10.83 -8.82
C ASP A 125 -18.33 11.06 -10.10
N LEU A 126 -18.56 10.18 -11.08
CA LEU A 126 -17.84 10.22 -12.33
C LEU A 126 -18.87 9.95 -13.41
N ILE A 127 -19.27 11.03 -14.09
CA ILE A 127 -20.30 10.96 -15.10
C ILE A 127 -19.71 11.32 -16.45
N THR A 128 -19.85 10.39 -17.40
CA THR A 128 -19.39 10.57 -18.75
C THR A 128 -20.58 10.73 -19.67
N THR A 129 -20.60 11.84 -20.39
CA THR A 129 -21.61 12.11 -21.42
C THR A 129 -20.89 12.09 -22.77
N SER A 130 -21.62 12.27 -23.88
CA SER A 130 -21.00 12.39 -25.19
C SER A 130 -20.01 13.56 -25.29
N ASN A 131 -20.33 14.68 -24.64
CA ASN A 131 -19.53 15.87 -24.76
C ASN A 131 -18.47 16.04 -23.69
N GLN A 132 -18.60 15.35 -22.56
CA GLN A 132 -17.76 15.69 -21.40
C GLN A 132 -17.62 14.59 -20.37
N VAL A 133 -16.42 14.46 -19.80
CA VAL A 133 -16.22 13.65 -18.61
C VAL A 133 -16.17 14.60 -17.42
N THR A 134 -17.06 14.36 -16.44
CA THR A 134 -17.09 15.17 -15.20
C THR A 134 -16.87 14.33 -13.96
N LEU A 135 -15.84 14.67 -13.20
CA LEU A 135 -15.56 14.00 -11.95
C LEU A 135 -15.83 15.00 -10.84
N THR A 136 -16.84 14.71 -10.01
CA THR A 136 -17.28 15.57 -8.90
C THR A 136 -16.95 14.90 -7.57
N ALA A 137 -16.10 15.55 -6.77
CA ALA A 137 -15.69 15.02 -5.45
C ALA A 137 -15.83 16.07 -4.34
N ASN A 138 -15.70 15.63 -3.09
CA ASN A 138 -15.69 16.52 -1.95
C ASN A 138 -14.34 17.17 -1.71
N LYS A 139 -13.27 16.43 -2.00
CA LYS A 139 -11.91 16.86 -1.71
C LYS A 139 -11.03 16.48 -2.88
N PRO A 140 -9.88 17.17 -3.06
CA PRO A 140 -8.87 16.76 -4.03
C PRO A 140 -8.49 15.27 -3.96
N GLU A 141 -8.36 14.72 -2.76
CA GLU A 141 -8.04 13.30 -2.60
C GLU A 141 -9.04 12.44 -3.37
N GLY A 142 -10.32 12.81 -3.29
CA GLY A 142 -11.37 12.09 -4.00
C GLY A 142 -11.31 12.20 -5.52
N VAL A 143 -10.88 13.36 -6.01
CA VAL A 143 -10.65 13.52 -7.44
C VAL A 143 -9.50 12.60 -7.88
N PHE A 144 -8.43 12.54 -7.08
CA PHE A 144 -7.34 11.60 -7.38
C PHE A 144 -7.81 10.13 -7.45
N ARG A 145 -8.58 9.68 -6.45
CA ARG A 145 -9.11 8.28 -6.51
C ARG A 145 -10.01 8.08 -7.73
N GLY A 146 -10.91 9.03 -7.97
CA GLY A 146 -11.79 8.95 -9.14
C GLY A 146 -11.01 8.87 -10.43
N ASN A 147 -9.88 9.57 -10.50
CA ASN A 147 -9.03 9.52 -11.70
C ASN A 147 -8.51 8.10 -11.99
N GLN A 148 -8.35 7.28 -10.94
CA GLN A 148 -7.90 5.89 -11.12
C GLN A 148 -8.97 5.08 -11.82
N THR A 149 -10.24 5.39 -11.52
CA THR A 149 -11.40 4.81 -12.22
C THR A 149 -11.47 5.28 -13.67
N LEU A 150 -11.25 6.59 -13.90
CA LEU A 150 -11.28 7.18 -15.24
C LEU A 150 -10.33 6.46 -16.20
N LEU A 151 -9.12 6.19 -15.70
CA LEU A 151 -8.15 5.47 -16.48
C LEU A 151 -8.63 4.07 -16.85
N GLN A 152 -9.48 3.48 -16.01
CA GLN A 152 -10.02 2.14 -16.23
C GLN A 152 -11.24 2.12 -17.15
N LEU A 153 -11.82 3.29 -17.42
CA LEU A 153 -12.97 3.41 -18.33
C LEU A 153 -12.53 3.54 -19.78
N LEU A 154 -11.35 4.12 -19.98
CA LEU A 154 -10.71 4.19 -21.29
C LEU A 154 -10.27 2.78 -21.73
N PRO A 155 -10.10 2.54 -23.05
CA PRO A 155 -9.71 1.20 -23.51
C PRO A 155 -8.35 0.76 -22.99
N ALA A 156 -8.19 -0.55 -22.82
CA ALA A 156 -6.89 -1.11 -22.56
C ALA A 156 -5.98 -0.58 -23.65
N GLY A 157 -4.78 -0.16 -23.26
CA GLY A 157 -3.90 0.53 -24.17
C GLY A 157 -3.56 1.87 -23.56
N ILE A 158 -4.54 2.47 -22.90
CA ILE A 158 -4.37 3.75 -22.20
C ILE A 158 -3.28 3.69 -21.09
N GLU A 159 -3.07 2.51 -20.51
CA GLU A 159 -2.10 2.37 -19.43
C GLU A 159 -0.70 2.01 -19.95
N LYS A 160 -0.53 2.05 -21.26
CA LYS A 160 0.77 1.85 -21.87
C LYS A 160 1.67 3.05 -21.53
N ASN A 161 2.97 2.81 -21.42
CA ASN A 161 3.93 3.88 -21.20
C ASN A 161 4.52 4.45 -22.49
N THR A 162 4.09 3.91 -23.63
CA THR A 162 4.54 4.41 -24.93
C THR A 162 3.28 4.58 -25.77
N VAL A 163 3.36 5.35 -26.86
CA VAL A 163 2.18 5.65 -27.70
C VAL A 163 1.58 4.41 -28.35
N VAL A 164 0.26 4.27 -28.23
CA VAL A 164 -0.52 3.19 -28.82
C VAL A 164 -1.29 3.75 -30.01
N SER A 165 -1.15 3.11 -31.16
CA SER A 165 -1.86 3.54 -32.35
C SER A 165 -2.97 2.53 -32.67
N GLY A 166 -3.91 2.95 -33.51
CA GLY A 166 -5.02 2.10 -33.92
C GLY A 166 -6.12 1.86 -32.91
N VAL A 167 -6.11 2.57 -31.78
CA VAL A 167 -7.15 2.40 -30.74
C VAL A 167 -7.92 3.70 -30.60
N GLN A 168 -9.23 3.66 -30.85
CA GLN A 168 -10.05 4.85 -30.61
C GLN A 168 -10.23 5.01 -29.09
N TRP A 169 -9.94 6.21 -28.60
CA TRP A 169 -9.96 6.47 -27.16
C TRP A 169 -11.35 6.87 -26.67
N VAL A 170 -12.18 5.86 -26.47
CA VAL A 170 -13.60 6.10 -26.18
C VAL A 170 -13.90 5.74 -24.74
N ILE A 171 -14.93 6.38 -24.17
CA ILE A 171 -15.48 6.04 -22.85
C ILE A 171 -17.01 5.94 -23.02
N PRO A 172 -17.62 4.82 -22.57
CA PRO A 172 -19.07 4.72 -22.71
C PRO A 172 -19.75 5.81 -21.87
N HIS A 173 -20.87 6.30 -22.36
CA HIS A 173 -21.75 7.11 -21.56
C HIS A 173 -22.04 6.30 -20.30
N SER A 174 -21.76 6.88 -19.13
CA SER A 174 -21.82 6.11 -17.88
C SER A 174 -21.92 6.97 -16.65
N ASN A 175 -22.33 6.34 -15.56
CA ASN A 175 -22.52 7.00 -14.29
C ASN A 175 -21.96 6.13 -13.17
N ILE A 176 -20.99 6.68 -12.44
CA ILE A 176 -20.33 5.96 -11.33
C ILE A 176 -20.45 6.81 -10.08
N SER A 177 -20.83 6.18 -8.96
CA SER A 177 -20.62 6.80 -7.67
C SER A 177 -19.82 5.78 -6.85
N ASP A 178 -18.99 6.28 -5.95
CA ASP A 178 -18.01 5.45 -5.30
C ASP A 178 -17.46 6.06 -4.02
N LYS A 179 -17.06 5.19 -3.10
CA LYS A 179 -16.42 5.56 -1.84
C LYS A 179 -15.87 4.27 -1.23
N PRO A 180 -14.81 4.38 -0.41
CA PRO A 180 -14.25 3.17 0.18
C PRO A 180 -15.03 2.67 1.40
N GLU A 181 -14.96 1.36 1.61
CA GLU A 181 -15.54 0.78 2.83
C GLU A 181 -14.61 1.02 4.03
N TYR A 182 -13.32 0.85 3.82
CA TYR A 182 -12.31 1.07 4.88
C TYR A 182 -11.38 2.23 4.56
N GLU A 183 -11.04 2.99 5.59
CA GLU A 183 -10.15 4.16 5.49
C GLU A 183 -8.69 3.78 5.24
N TYR A 184 -8.25 2.65 5.81
CA TYR A 184 -6.87 2.23 5.66
C TYR A 184 -6.76 1.03 4.71
N ARG A 185 -6.10 1.26 3.58
CA ARG A 185 -5.95 0.22 2.57
C ARG A 185 -4.48 0.25 2.14
N GLY A 186 -3.68 -0.66 2.71
CA GLY A 186 -2.25 -0.46 2.64
C GLY A 186 -1.42 -1.55 2.02
N LEU A 187 -0.21 -1.18 1.66
CA LEU A 187 0.79 -2.14 1.21
C LEU A 187 2.04 -1.94 2.05
N MET A 188 2.62 -3.04 2.53
CA MET A 188 3.93 -2.98 3.16
C MET A 188 4.96 -3.64 2.25
N LEU A 189 6.09 -2.95 2.07
CA LEU A 189 7.23 -3.56 1.42
C LEU A 189 8.38 -3.70 2.42
N ASP A 190 8.89 -4.92 2.50
CA ASP A 190 10.08 -5.24 3.30
C ASP A 190 11.30 -4.91 2.43
N VAL A 191 12.03 -3.86 2.79
CA VAL A 191 13.26 -3.49 2.08
C VAL A 191 14.51 -3.86 2.88
N ALA A 192 14.31 -4.47 4.05
CA ALA A 192 15.40 -4.96 4.89
C ALA A 192 15.96 -6.32 4.45
N ARG A 193 15.07 -7.26 4.17
CA ARG A 193 15.51 -8.62 3.76
C ARG A 193 16.25 -8.62 2.42
N HIS A 194 15.67 -7.93 1.43
CA HIS A 194 16.35 -7.54 0.20
C HIS A 194 16.07 -6.08 -0.06
N PHE A 195 17.10 -5.36 -0.50
CA PHE A 195 16.97 -3.93 -0.77
C PHE A 195 16.37 -3.69 -2.15
N PHE A 196 15.51 -2.68 -2.23
CA PHE A 196 14.98 -2.22 -3.52
C PHE A 196 15.22 -0.73 -3.68
N THR A 197 15.56 -0.31 -4.90
CA THR A 197 15.99 1.06 -5.15
C THR A 197 14.85 2.04 -4.99
N VAL A 198 15.20 3.32 -4.84
CA VAL A 198 14.18 4.36 -4.78
C VAL A 198 13.24 4.24 -6.02
N ASP A 199 13.83 3.98 -7.20
CA ASP A 199 13.02 3.82 -8.43
C ASP A 199 12.04 2.63 -8.33
N GLU A 200 12.53 1.52 -7.78
CA GLU A 200 11.74 0.31 -7.65
C GLU A 200 10.58 0.50 -6.67
N VAL A 201 10.86 1.22 -5.58
CA VAL A 201 9.87 1.52 -4.57
C VAL A 201 8.83 2.49 -5.13
N LYS A 202 9.29 3.56 -5.79
CA LYS A 202 8.37 4.50 -6.48
C LYS A 202 7.45 3.77 -7.45
N ARG A 203 8.00 2.85 -8.24
CA ARG A 203 7.18 2.08 -9.18
C ARG A 203 6.08 1.30 -8.47
N GLN A 204 6.43 0.61 -7.37
CA GLN A 204 5.42 -0.16 -6.63
C GLN A 204 4.34 0.76 -6.01
N ILE A 205 4.76 1.90 -5.44
CA ILE A 205 3.82 2.90 -4.97
C ILE A 205 2.88 3.35 -6.10
N ASP A 206 3.46 3.70 -7.24
CA ASP A 206 2.66 4.13 -8.40
C ASP A 206 1.65 3.07 -8.85
N LEU A 207 2.11 1.83 -9.01
CA LEU A 207 1.21 0.74 -9.42
C LEU A 207 0.06 0.54 -8.43
N ALA A 208 0.38 0.47 -7.15
CA ALA A 208 -0.62 0.28 -6.08
C ALA A 208 -1.65 1.42 -6.06
N SER A 209 -1.20 2.67 -6.28
CA SER A 209 -2.09 3.84 -6.25
C SER A 209 -3.24 3.71 -7.29
N GLN A 210 -2.95 3.02 -8.40
CA GLN A 210 -3.90 2.85 -9.50
C GLN A 210 -5.05 1.91 -9.08
N TYR A 211 -4.84 1.18 -7.98
CA TYR A 211 -5.90 0.32 -7.43
C TYR A 211 -6.45 0.85 -6.12
N LYS A 212 -6.23 2.16 -5.90
CA LYS A 212 -6.77 2.92 -4.75
C LYS A 212 -6.17 2.52 -3.38
N ILE A 213 -5.01 1.91 -3.40
CA ILE A 213 -4.24 1.71 -2.20
C ILE A 213 -3.84 3.12 -1.77
N ASN A 214 -4.05 3.43 -0.50
CA ASN A 214 -3.82 4.79 0.05
C ASN A 214 -2.79 4.87 1.19
N LYS A 215 -2.12 3.76 1.50
CA LYS A 215 -1.13 3.72 2.58
C LYS A 215 0.04 2.86 2.15
N PHE A 216 1.27 3.31 2.44
CA PHE A 216 2.45 2.52 2.13
C PHE A 216 3.32 2.42 3.39
N HIS A 217 3.48 1.20 3.90
CA HIS A 217 4.23 0.95 5.12
C HIS A 217 5.62 0.42 4.74
N MET A 218 6.68 1.12 5.12
CA MET A 218 8.05 0.68 4.76
C MET A 218 8.72 -0.01 5.94
N HIS A 219 9.05 -1.28 5.76
CA HIS A 219 9.76 -2.03 6.79
C HIS A 219 11.27 -1.79 6.56
N LEU A 220 11.81 -0.79 7.25
CA LEU A 220 13.13 -0.20 6.95
C LEU A 220 14.29 -0.85 7.67
N SER A 221 13.99 -1.75 8.60
CA SER A 221 15.06 -2.41 9.35
C SER A 221 14.62 -3.77 9.81
N ASP A 222 15.58 -4.69 9.84
CA ASP A 222 15.34 -6.01 10.39
C ASP A 222 16.69 -6.63 10.73
N ASP A 223 16.74 -7.94 10.90
CA ASP A 223 17.98 -8.61 11.29
C ASP A 223 19.06 -8.53 10.23
N GLN A 224 18.66 -8.53 8.96
CA GLN A 224 19.61 -8.65 7.84
C GLN A 224 20.05 -7.30 7.21
N GLY A 225 19.42 -6.20 7.63
CA GLY A 225 19.73 -4.89 7.10
C GLY A 225 19.02 -3.73 7.76
N TRP A 226 19.67 -2.57 7.71
CA TRP A 226 19.14 -1.31 8.23
C TRP A 226 19.18 -0.38 7.04
N ARG A 227 18.03 0.21 6.66
CA ARG A 227 17.91 0.91 5.36
C ARG A 227 17.69 2.41 5.44
N ILE A 228 17.77 3.00 6.62
CA ILE A 228 17.56 4.47 6.70
C ILE A 228 18.71 5.20 7.40
N GLU A 229 19.26 6.20 6.73
CA GLU A 229 20.34 7.01 7.25
C GLU A 229 19.92 7.67 8.57
N ILE A 230 20.70 7.43 9.62
CA ILE A 230 20.52 8.07 10.92
C ILE A 230 21.85 8.75 11.21
N LYS A 231 21.83 10.08 11.15
CA LYS A 231 23.05 10.88 11.23
C LYS A 231 23.80 10.77 12.56
N SER A 232 23.06 10.56 13.66
CA SER A 232 23.68 10.51 14.97
C SER A 232 24.28 9.14 15.29
N TRP A 233 23.95 8.15 14.45
CA TRP A 233 24.45 6.77 14.54
C TRP A 233 24.86 6.27 13.14
N PRO A 234 25.94 6.87 12.58
CA PRO A 234 26.27 6.61 11.17
C PRO A 234 26.59 5.15 10.83
N ASP A 235 27.03 4.35 11.78
CA ASP A 235 27.39 2.97 11.44
C ASP A 235 26.18 2.07 11.19
N LEU A 236 24.97 2.56 11.48
CA LEU A 236 23.75 1.84 11.05
C LEU A 236 23.76 1.61 9.53
N ILE A 237 24.28 2.60 8.82
CA ILE A 237 24.48 2.54 7.37
C ILE A 237 25.88 1.99 7.03
N GLU A 238 26.91 2.56 7.63
CA GLU A 238 28.28 2.14 7.28
C GLU A 238 28.52 0.66 7.47
N ILE A 239 27.87 0.08 8.49
CA ILE A 239 27.95 -1.35 8.74
C ILE A 239 26.62 -2.07 8.50
N GLY A 240 25.53 -1.56 9.08
CA GLY A 240 24.25 -2.27 9.08
C GLY A 240 23.46 -2.35 7.78
N SER A 241 23.82 -1.53 6.78
CA SER A 241 23.16 -1.55 5.47
C SER A 241 23.89 -2.39 4.43
N LYS A 242 25.07 -2.90 4.80
CA LYS A 242 26.02 -3.48 3.84
C LYS A 242 25.73 -4.93 3.43
N GLY A 243 24.63 -5.50 3.91
CA GLY A 243 24.22 -6.81 3.43
C GLY A 243 22.71 -6.93 3.29
N GLN A 244 22.27 -8.18 3.11
CA GLN A 244 20.85 -8.53 3.00
C GLN A 244 20.81 -10.05 3.08
N VAL A 245 19.62 -10.64 3.02
CA VAL A 245 19.45 -12.09 2.93
C VAL A 245 20.24 -12.60 1.71
N GLY A 246 20.99 -13.68 1.90
CA GLY A 246 21.81 -14.22 0.80
C GLY A 246 23.15 -13.55 0.54
N GLY A 247 23.52 -12.55 1.34
CA GLY A 247 24.81 -11.90 1.17
C GLY A 247 25.05 -10.99 -0.03
N GLY A 248 23.98 -10.55 -0.73
CA GLY A 248 24.09 -9.44 -1.69
C GLY A 248 24.63 -8.16 -1.03
N PRO A 249 24.79 -7.08 -1.82
CA PRO A 249 25.41 -5.88 -1.24
C PRO A 249 24.49 -5.06 -0.33
N GLY A 250 23.19 -5.28 -0.42
CA GLY A 250 22.26 -4.49 0.38
C GLY A 250 22.05 -3.09 -0.19
N GLY A 251 22.07 -2.08 0.67
CA GLY A 251 21.77 -0.71 0.25
C GLY A 251 21.05 0.07 1.32
N TYR A 252 20.79 1.36 1.08
CA TYR A 252 20.05 2.18 2.04
C TYR A 252 19.51 3.42 1.35
N TYR A 253 18.57 4.07 2.04
CA TYR A 253 18.04 5.37 1.63
C TYR A 253 18.68 6.46 2.48
N THR A 254 19.20 7.49 1.83
CA THR A 254 19.58 8.68 2.58
C THR A 254 18.28 9.35 3.08
N GLN A 255 18.40 10.28 4.01
CA GLN A 255 17.19 10.99 4.44
C GLN A 255 16.53 11.78 3.28
N GLU A 256 17.37 12.32 2.37
CA GLU A 256 16.84 12.99 1.18
C GLU A 256 16.06 12.04 0.27
N GLN A 257 16.57 10.84 0.10
CA GLN A 257 15.88 9.84 -0.71
C GLN A 257 14.57 9.41 -0.03
N PHE A 258 14.58 9.27 1.30
CA PHE A 258 13.35 8.94 2.01
C PHE A 258 12.33 10.07 1.83
N LYS A 259 12.77 11.31 1.94
CA LYS A 259 11.87 12.44 1.71
C LYS A 259 11.31 12.43 0.28
N ASP A 260 12.13 12.04 -0.67
CA ASP A 260 11.72 11.98 -2.07
C ASP A 260 10.61 10.92 -2.23
N ILE A 261 10.78 9.77 -1.57
CA ILE A 261 9.74 8.72 -1.61
C ILE A 261 8.42 9.25 -1.01
N VAL A 262 8.49 9.85 0.17
CA VAL A 262 7.34 10.47 0.83
C VAL A 262 6.64 11.47 -0.09
N SER A 263 7.43 12.35 -0.73
CA SER A 263 6.86 13.34 -1.62
C SER A 263 6.16 12.66 -2.82
N TYR A 264 6.81 11.65 -3.42
CA TYR A 264 6.21 10.90 -4.53
C TYR A 264 4.88 10.28 -4.13
N ALA A 265 4.84 9.67 -2.92
CA ALA A 265 3.61 9.07 -2.40
C ALA A 265 2.56 10.13 -2.15
N ALA A 266 2.99 11.29 -1.64
CA ALA A 266 2.05 12.39 -1.36
C ALA A 266 1.27 12.86 -2.59
N GLU A 267 1.92 12.84 -3.75
CA GLU A 267 1.28 13.22 -5.01
C GLU A 267 0.19 12.25 -5.41
N ARG A 268 0.19 11.09 -4.75
CA ARG A 268 -0.80 10.06 -4.96
C ARG A 268 -1.73 9.90 -3.75
N TYR A 269 -1.67 10.86 -2.81
CA TYR A 269 -2.48 10.83 -1.59
C TYR A 269 -2.28 9.51 -0.84
N ILE A 270 -1.03 9.07 -0.84
CA ILE A 270 -0.58 7.92 -0.08
C ILE A 270 0.28 8.38 1.09
N GLU A 271 -0.13 7.93 2.27
CA GLU A 271 0.56 8.13 3.50
C GLU A 271 1.65 7.07 3.64
N VAL A 272 2.86 7.54 3.96
CA VAL A 272 3.99 6.64 4.20
C VAL A 272 4.21 6.49 5.70
N ILE A 273 4.19 5.25 6.16
CA ILE A 273 4.38 4.94 7.57
C ILE A 273 5.67 4.15 7.65
N PRO A 274 6.72 4.77 8.19
CA PRO A 274 8.01 4.10 8.29
C PRO A 274 8.01 3.18 9.51
N GLU A 275 8.63 2.01 9.39
CA GLU A 275 8.76 1.08 10.51
C GLU A 275 10.22 0.86 10.86
N ILE A 276 10.53 1.03 12.14
CA ILE A 276 11.80 0.58 12.72
C ILE A 276 11.39 -0.44 13.77
N ASP A 277 11.64 -1.71 13.46
CA ASP A 277 11.13 -2.80 14.27
C ASP A 277 11.96 -2.91 15.56
N MET A 278 11.27 -3.04 16.70
CA MET A 278 11.91 -3.18 18.01
C MET A 278 10.91 -3.81 19.01
N PRO A 279 11.41 -4.46 20.07
CA PRO A 279 12.80 -4.72 20.45
C PRO A 279 13.42 -5.89 19.69
N GLY A 280 12.59 -6.68 19.02
CA GLY A 280 13.10 -7.78 18.20
C GLY A 280 13.40 -7.37 16.77
N HIS A 281 13.88 -8.34 15.98
CA HIS A 281 14.25 -8.08 14.59
C HIS A 281 15.22 -6.92 14.49
N THR A 282 16.18 -6.89 15.42
CA THR A 282 17.11 -5.78 15.54
C THR A 282 18.59 -6.13 15.29
N ASN A 283 18.90 -7.32 14.78
CA ASN A 283 20.30 -7.69 14.57
C ASN A 283 21.17 -6.69 13.78
N ALA A 284 20.62 -6.03 12.77
CA ALA A 284 21.44 -5.10 11.98
C ALA A 284 21.96 -3.93 12.83
N ALA A 285 21.12 -3.42 13.72
CA ALA A 285 21.55 -2.40 14.67
C ALA A 285 22.59 -2.99 15.61
N LEU A 286 22.31 -4.20 16.11
CA LEU A 286 23.23 -4.87 17.06
C LEU A 286 24.58 -5.23 16.42
N ALA A 287 24.58 -5.33 15.10
CA ALA A 287 25.79 -5.63 14.36
C ALA A 287 26.57 -4.33 14.04
N SER A 288 25.90 -3.19 14.19
CA SER A 288 26.51 -1.89 13.90
C SER A 288 27.19 -1.25 15.12
N TYR A 289 26.56 -1.41 16.28
CA TYR A 289 27.01 -0.79 17.50
C TYR A 289 27.10 -1.81 18.62
N GLY A 290 28.33 -2.11 19.03
CA GLY A 290 28.59 -3.07 20.10
C GLY A 290 27.96 -2.69 21.43
N GLU A 291 27.85 -1.39 21.70
CA GLU A 291 27.31 -0.91 22.97
C GLU A 291 25.81 -1.21 23.14
N LEU A 292 25.17 -1.64 22.06
CA LEU A 292 23.75 -2.03 22.10
C LEU A 292 23.58 -3.48 22.59
N ASN A 293 24.70 -4.18 22.77
CA ASN A 293 24.74 -5.58 23.21
C ASN A 293 25.30 -5.67 24.64
N PRO A 294 24.81 -6.62 25.45
CA PRO A 294 25.29 -6.81 26.82
C PRO A 294 26.82 -6.95 26.95
N ASP A 295 27.46 -7.64 26.01
CA ASP A 295 28.91 -7.84 26.09
C ASP A 295 29.74 -6.73 25.42
N GLY A 296 29.06 -5.70 24.93
CA GLY A 296 29.74 -4.58 24.30
C GLY A 296 30.34 -4.86 22.93
N LYS A 297 30.14 -6.06 22.40
CA LYS A 297 30.66 -6.46 21.08
C LYS A 297 29.58 -6.46 20.00
N ARG A 298 29.95 -6.02 18.81
CA ARG A 298 29.05 -6.04 17.66
C ARG A 298 28.69 -7.48 17.36
N LYS A 299 27.42 -7.74 17.05
CA LYS A 299 27.02 -9.04 16.51
C LYS A 299 27.60 -9.18 15.11
N ALA A 300 27.84 -10.42 14.68
CA ALA A 300 28.06 -10.67 13.26
C ALA A 300 26.78 -10.38 12.48
N MET A 301 26.90 -9.88 11.25
CA MET A 301 25.75 -9.67 10.39
C MET A 301 25.14 -11.02 10.02
N ARG A 302 23.83 -11.03 9.83
CA ARG A 302 23.11 -12.27 9.53
C ARG A 302 22.54 -12.20 8.11
N THR A 303 22.74 -13.25 7.31
CA THR A 303 22.21 -13.28 5.94
C THR A 303 21.27 -14.46 5.70
N ASP A 304 20.93 -15.17 6.78
CA ASP A 304 19.94 -16.25 6.76
C ASP A 304 18.52 -15.69 6.93
N THR A 305 17.54 -16.58 7.08
CA THR A 305 16.15 -16.17 7.15
C THR A 305 15.50 -16.48 8.50
N ALA A 306 16.29 -16.82 9.52
CA ALA A 306 15.74 -17.09 10.84
C ALA A 306 15.11 -15.82 11.43
N VAL A 307 14.11 -16.00 12.29
CA VAL A 307 13.49 -14.88 13.01
C VAL A 307 13.46 -15.18 14.50
N GLY A 308 13.29 -14.12 15.33
CA GLY A 308 12.92 -14.28 16.75
C GLY A 308 14.05 -14.20 17.76
N TYR A 309 15.28 -14.24 17.28
CA TYR A 309 16.44 -14.43 18.14
C TYR A 309 17.03 -13.13 18.69
N SER A 310 16.78 -12.01 18.03
CA SER A 310 17.47 -10.76 18.39
C SER A 310 16.66 -9.92 19.39
N THR A 311 17.38 -9.09 20.17
CA THR A 311 16.74 -8.19 21.13
C THR A 311 17.65 -7.02 21.49
N LEU A 312 17.04 -5.84 21.55
CA LEU A 312 17.66 -4.71 22.23
C LEU A 312 17.70 -5.04 23.73
N MET A 313 18.58 -4.37 24.48
CA MET A 313 18.69 -4.52 25.93
C MET A 313 17.56 -3.71 26.56
N PRO A 314 16.53 -4.38 27.10
CA PRO A 314 15.33 -3.66 27.57
C PRO A 314 15.55 -2.78 28.80
N ARG A 315 16.60 -3.06 29.55
CA ARG A 315 16.85 -2.37 30.81
C ARG A 315 18.11 -1.51 30.81
N ALA A 316 18.64 -1.20 29.63
CA ALA A 316 19.81 -0.34 29.52
C ALA A 316 19.39 1.01 28.97
N GLU A 317 19.79 2.11 29.62
CA GLU A 317 19.41 3.44 29.16
C GLU A 317 19.96 3.76 27.76
N ILE A 318 21.12 3.20 27.42
CA ILE A 318 21.66 3.36 26.07
C ILE A 318 20.64 2.96 24.98
N THR A 319 19.84 1.93 25.26
CA THR A 319 18.81 1.45 24.35
C THR A 319 17.82 2.54 24.02
N TYR A 320 17.38 3.25 25.06
CA TYR A 320 16.37 4.29 24.90
C TYR A 320 16.93 5.58 24.36
N GLN A 321 18.22 5.84 24.60
CA GLN A 321 18.89 6.94 23.90
C GLN A 321 18.97 6.65 22.40
N PHE A 322 19.43 5.46 22.05
CA PHE A 322 19.40 5.00 20.66
C PHE A 322 18.01 5.16 20.01
N VAL A 323 16.98 4.60 20.65
CA VAL A 323 15.62 4.68 20.08
C VAL A 323 15.21 6.14 19.89
N GLU A 324 15.53 6.99 20.88
CA GLU A 324 15.16 8.40 20.78
C GLU A 324 15.84 9.11 19.62
N ASP A 325 17.13 8.87 19.43
CA ASP A 325 17.84 9.47 18.30
C ASP A 325 17.23 9.04 16.97
N VAL A 326 16.94 7.74 16.84
CA VAL A 326 16.31 7.22 15.62
C VAL A 326 14.95 7.87 15.41
N ILE A 327 14.10 7.83 16.43
CA ILE A 327 12.76 8.43 16.33
C ILE A 327 12.83 9.91 16.01
N SER A 328 13.73 10.63 16.67
CA SER A 328 13.90 12.07 16.44
C SER A 328 14.21 12.36 14.96
N GLU A 329 15.17 11.62 14.40
CA GLU A 329 15.54 11.89 13.01
C GLU A 329 14.45 11.47 12.02
N LEU A 330 13.81 10.34 12.32
CA LEU A 330 12.76 9.85 11.45
C LEU A 330 11.53 10.75 11.50
N ALA A 331 11.17 11.18 12.70
CA ALA A 331 10.02 12.07 12.87
C ALA A 331 10.24 13.38 12.12
N ALA A 332 11.49 13.88 12.12
CA ALA A 332 11.81 15.11 11.41
C ALA A 332 11.55 15.02 9.89
N ILE A 333 11.65 13.83 9.32
CA ILE A 333 11.57 13.66 7.86
C ILE A 333 10.33 12.91 7.39
N SER A 334 9.49 12.52 8.35
CA SER A 334 8.29 11.72 8.05
C SER A 334 7.02 12.41 8.54
N PRO A 335 6.27 13.04 7.60
CA PRO A 335 5.10 13.82 7.99
C PRO A 335 3.89 13.00 8.48
N SER A 336 3.83 11.70 8.20
CA SER A 336 2.75 10.89 8.76
C SER A 336 2.67 11.07 10.28
N PRO A 337 1.45 11.21 10.82
CA PRO A 337 1.29 11.24 12.27
C PRO A 337 1.62 9.92 12.94
N TYR A 338 1.89 8.87 12.15
CA TYR A 338 2.23 7.55 12.68
C TYR A 338 3.65 7.13 12.41
N ILE A 339 4.21 6.43 13.39
CA ILE A 339 5.45 5.70 13.22
C ILE A 339 5.15 4.26 13.65
N HIS A 340 5.70 3.31 12.91
CA HIS A 340 5.48 1.89 13.19
C HIS A 340 6.72 1.42 13.96
N LEU A 341 6.54 0.97 15.19
CA LEU A 341 7.70 0.50 15.98
C LEU A 341 7.80 -1.03 16.05
N GLY A 342 7.09 -1.72 15.16
CA GLY A 342 7.21 -3.18 15.08
C GLY A 342 6.67 -3.89 16.31
N GLY A 343 7.49 -4.69 16.98
CA GLY A 343 7.05 -5.40 18.19
C GLY A 343 6.70 -6.86 17.96
N ASP A 344 7.00 -7.39 16.78
CA ASP A 344 6.69 -8.79 16.44
C ASP A 344 7.86 -9.71 16.83
N GLU A 345 7.54 -10.97 17.13
CA GLU A 345 8.57 -12.02 17.32
C GLU A 345 9.75 -11.62 18.21
N SER A 346 9.45 -11.01 19.36
CA SER A 346 10.48 -10.65 20.34
C SER A 346 10.74 -11.84 21.26
N ASN A 347 11.13 -12.96 20.65
CA ASN A 347 11.25 -14.21 21.38
C ASN A 347 12.46 -14.30 22.31
N ALA A 348 13.34 -13.32 22.20
CA ALA A 348 14.49 -13.22 23.11
C ALA A 348 14.26 -12.13 24.16
N THR A 349 13.02 -11.67 24.27
CA THR A 349 12.62 -10.65 25.26
C THR A 349 11.53 -11.23 26.14
N SER A 350 11.73 -11.13 27.46
CA SER A 350 10.73 -11.61 28.41
C SER A 350 9.44 -10.79 28.27
N ALA A 351 8.30 -11.40 28.61
CA ALA A 351 7.02 -10.67 28.62
C ALA A 351 7.10 -9.35 29.43
N ALA A 352 7.69 -9.43 30.63
CA ALA A 352 7.80 -8.23 31.48
C ALA A 352 8.65 -7.15 30.83
N ASP A 353 9.76 -7.55 30.20
CA ASP A 353 10.66 -6.59 29.54
C ASP A 353 10.02 -6.04 28.27
N TYR A 354 9.27 -6.87 27.55
CA TYR A 354 8.56 -6.40 26.35
C TYR A 354 7.51 -5.34 26.70
N ASP A 355 6.75 -5.61 27.75
CA ASP A 355 5.71 -4.72 28.20
C ASP A 355 6.33 -3.35 28.52
N TYR A 356 7.41 -3.40 29.32
CA TYR A 356 8.16 -2.20 29.73
C TYR A 356 8.77 -1.51 28.51
N PHE A 357 9.51 -2.27 27.70
CA PHE A 357 10.16 -1.68 26.53
C PHE A 357 9.16 -0.95 25.63
N PHE A 358 8.06 -1.61 25.29
CA PHE A 358 7.15 -1.03 24.31
C PHE A 358 6.44 0.21 24.84
N GLY A 359 6.18 0.23 26.14
CA GLY A 359 5.59 1.40 26.79
C GLY A 359 6.56 2.56 26.77
N ARG A 360 7.84 2.30 27.06
CA ARG A 360 8.86 3.37 26.99
C ARG A 360 9.06 3.95 25.61
N VAL A 361 9.13 3.10 24.59
CA VAL A 361 9.33 3.65 23.24
C VAL A 361 8.08 4.36 22.69
N THR A 362 6.90 3.96 23.16
CA THR A 362 5.65 4.66 22.80
C THR A 362 5.66 6.07 23.40
N ALA A 363 6.15 6.19 24.64
CA ALA A 363 6.30 7.51 25.28
C ALA A 363 7.29 8.39 24.52
N ILE A 364 8.41 7.82 24.07
CA ILE A 364 9.36 8.57 23.23
C ILE A 364 8.71 9.04 21.91
N ALA A 365 8.08 8.12 21.20
CA ALA A 365 7.40 8.50 19.95
C ALA A 365 6.39 9.62 20.18
N ASN A 366 5.57 9.49 21.22
CA ASN A 366 4.52 10.47 21.51
C ASN A 366 5.13 11.85 21.80
N SER A 367 6.29 11.85 22.44
CA SER A 367 7.00 13.11 22.73
C SER A 367 7.50 13.80 21.47
N TYR A 368 7.73 13.01 20.43
CA TYR A 368 8.12 13.58 19.13
C TYR A 368 6.91 13.79 18.22
N GLY A 369 5.72 13.75 18.82
CA GLY A 369 4.48 14.06 18.10
C GLY A 369 3.96 12.94 17.20
N LYS A 370 4.40 11.71 17.43
CA LYS A 370 3.97 10.59 16.62
C LYS A 370 3.17 9.56 17.44
N LYS A 371 2.10 9.06 16.83
CA LYS A 371 1.34 7.94 17.37
C LYS A 371 2.01 6.64 16.89
N VAL A 372 1.85 5.57 17.66
CA VAL A 372 2.60 4.33 17.39
C VAL A 372 1.72 3.23 16.82
N VAL A 373 2.19 2.64 15.74
CA VAL A 373 1.62 1.39 15.22
C VAL A 373 2.55 0.25 15.62
N GLY A 374 2.01 -0.90 15.97
CA GLY A 374 2.84 -2.04 16.36
C GLY A 374 2.12 -3.32 15.98
N TRP A 375 2.90 -4.34 15.64
CA TRP A 375 2.39 -5.69 15.42
C TRP A 375 1.85 -6.27 16.72
N ASP A 376 0.86 -7.16 16.68
CA ASP A 376 0.53 -7.87 17.93
C ASP A 376 1.78 -8.65 18.36
N PRO A 377 2.00 -8.81 19.67
CA PRO A 377 1.16 -8.42 20.79
C PRO A 377 1.42 -7.02 21.40
N SER A 378 1.89 -6.04 20.60
CA SER A 378 2.26 -4.72 21.18
C SER A 378 1.12 -3.96 21.87
N ASP A 379 -0.12 -4.25 21.51
CA ASP A 379 -1.30 -3.62 22.14
C ASP A 379 -1.42 -3.95 23.64
N THR A 380 -0.83 -5.06 24.04
CA THR A 380 -0.84 -5.49 25.42
C THR A 380 0.11 -4.71 26.31
N SER A 381 0.99 -3.89 25.74
CA SER A 381 1.85 -3.06 26.57
C SER A 381 1.03 -2.08 27.43
N SER A 382 1.36 -2.01 28.72
CA SER A 382 0.63 -1.09 29.59
C SER A 382 0.92 0.38 29.29
N GLY A 383 1.92 0.62 28.43
CA GLY A 383 2.23 1.97 27.96
C GLY A 383 1.56 2.38 26.64
N ALA A 384 0.86 1.44 25.99
CA ALA A 384 0.02 1.79 24.84
C ALA A 384 -1.06 2.81 25.22
N THR A 385 -1.50 3.64 24.28
CA THR A 385 -2.65 4.51 24.56
C THR A 385 -3.74 4.17 23.56
N SER A 386 -4.91 4.77 23.72
CA SER A 386 -5.98 4.59 22.75
C SER A 386 -5.65 5.19 21.37
N ASP A 387 -4.62 6.05 21.29
CA ASP A 387 -4.15 6.58 20.00
C ASP A 387 -3.21 5.61 19.30
N SER A 388 -2.67 4.66 20.03
CA SER A 388 -1.83 3.62 19.41
C SER A 388 -2.70 2.77 18.48
N VAL A 389 -2.06 2.12 17.50
CA VAL A 389 -2.74 1.29 16.52
C VAL A 389 -2.15 -0.10 16.57
N LEU A 390 -3.02 -1.10 16.52
CA LEU A 390 -2.57 -2.48 16.43
C LEU A 390 -2.63 -2.98 14.98
N GLN A 391 -1.50 -3.54 14.53
CA GLN A 391 -1.49 -4.31 13.30
C GLN A 391 -1.58 -5.79 13.68
N ASN A 392 -2.77 -6.30 13.41
CA ASN A 392 -3.15 -7.65 13.79
C ASN A 392 -2.78 -8.59 12.66
N TRP A 393 -1.63 -9.25 12.80
CA TRP A 393 -1.20 -10.25 11.85
C TRP A 393 -1.56 -11.67 12.26
N THR A 394 -1.60 -11.93 13.56
CA THR A 394 -1.89 -13.28 14.05
C THR A 394 -3.34 -13.70 13.77
N CYS A 395 -4.28 -12.77 13.95
CA CYS A 395 -5.71 -13.03 13.69
C CYS A 395 -6.24 -14.30 14.37
N SER A 396 -5.95 -14.42 15.66
CA SER A 396 -6.49 -15.52 16.46
C SER A 396 -7.66 -14.96 17.26
N ALA A 397 -8.39 -15.85 17.94
CA ALA A 397 -9.49 -15.46 18.82
C ALA A 397 -9.11 -14.43 19.89
N SER A 398 -7.88 -14.51 20.43
CA SER A 398 -7.52 -13.63 21.54
C SER A 398 -6.72 -12.39 21.15
N THR A 399 -6.20 -12.38 19.92
CA THR A 399 -5.40 -11.24 19.46
C THR A 399 -6.22 -9.94 19.50
N GLY A 400 -5.61 -8.87 19.98
CA GLY A 400 -6.28 -7.56 20.01
C GLY A 400 -7.35 -7.43 21.09
N THR A 401 -7.35 -8.33 22.07
CA THR A 401 -8.20 -8.20 23.26
C THR A 401 -7.85 -6.88 23.96
N ALA A 402 -6.56 -6.66 24.16
CA ALA A 402 -6.04 -5.40 24.70
C ALA A 402 -6.44 -4.18 23.87
N ALA A 403 -6.16 -4.22 22.57
CA ALA A 403 -6.51 -3.12 21.67
C ALA A 403 -7.99 -2.77 21.76
N LYS A 404 -8.86 -3.79 21.74
CA LYS A 404 -10.32 -3.58 21.82
C LYS A 404 -10.70 -2.90 23.14
N ALA A 405 -10.15 -3.41 24.24
CA ALA A 405 -10.39 -2.83 25.57
C ALA A 405 -9.91 -1.38 25.66
N LYS A 406 -8.86 -1.07 24.93
CA LYS A 406 -8.26 0.26 25.00
C LYS A 406 -8.82 1.24 23.97
N GLY A 407 -9.70 0.77 23.10
CA GLY A 407 -10.27 1.64 22.06
C GLY A 407 -9.27 1.92 20.95
N MET A 408 -8.32 1.02 20.75
CA MET A 408 -7.34 1.19 19.68
C MET A 408 -7.87 0.69 18.32
N LYS A 409 -7.60 1.48 17.28
CA LYS A 409 -7.81 1.09 15.90
C LYS A 409 -6.95 -0.11 15.57
N VAL A 410 -7.48 -0.94 14.68
CA VAL A 410 -6.85 -2.21 14.29
C VAL A 410 -6.72 -2.29 12.76
N ILE A 411 -5.51 -2.54 12.30
CA ILE A 411 -5.26 -2.84 10.89
C ILE A 411 -5.10 -4.35 10.82
N VAL A 412 -5.83 -5.00 9.92
CA VAL A 412 -5.74 -6.44 9.79
C VAL A 412 -4.84 -6.90 8.63
N SER A 413 -3.97 -7.87 8.93
CA SER A 413 -3.11 -8.53 7.96
C SER A 413 -3.13 -10.04 8.20
N PRO A 414 -4.24 -10.72 7.84
CA PRO A 414 -4.35 -12.17 8.04
C PRO A 414 -3.53 -12.92 7.00
N ALA A 415 -3.56 -14.26 7.05
CA ALA A 415 -2.88 -15.06 6.00
C ALA A 415 -3.25 -14.56 4.62
N ASN A 416 -4.53 -14.22 4.43
CA ASN A 416 -5.03 -13.78 3.10
C ASN A 416 -4.38 -12.51 2.55
N ALA A 417 -3.69 -11.77 3.41
CA ALA A 417 -2.99 -10.51 3.06
C ALA A 417 -1.45 -10.66 3.12
N TYR A 418 -0.99 -11.86 3.45
CA TYR A 418 0.44 -12.20 3.45
C TYR A 418 0.84 -12.61 2.02
N LEU A 419 1.14 -11.60 1.22
CA LEU A 419 1.24 -11.76 -0.22
C LEU A 419 2.56 -12.42 -0.62
N ASP A 420 3.44 -12.59 0.37
CA ASP A 420 4.70 -13.32 0.20
C ASP A 420 4.49 -14.84 0.27
N MET A 421 3.30 -15.28 0.66
CA MET A 421 2.98 -16.72 0.60
C MET A 421 2.93 -17.18 -0.86
N LYS A 422 3.55 -18.33 -1.14
CA LYS A 422 3.39 -19.03 -2.41
C LYS A 422 1.94 -19.05 -2.86
N TYR A 423 1.71 -18.89 -4.17
CA TYR A 423 0.37 -19.11 -4.71
C TYR A 423 -0.03 -20.59 -4.54
N TYR A 424 0.93 -21.47 -4.77
CA TYR A 424 0.72 -22.94 -4.80
C TYR A 424 1.95 -23.65 -4.27
N SER A 425 1.76 -24.91 -3.87
CA SER A 425 2.88 -25.76 -3.48
C SER A 425 4.11 -25.58 -4.36
N ASP A 426 3.91 -25.47 -5.67
CA ASP A 426 5.02 -25.44 -6.61
C ASP A 426 5.52 -24.05 -7.02
N SER A 427 5.05 -22.99 -6.36
CA SER A 427 5.52 -21.63 -6.70
C SER A 427 7.03 -21.55 -6.61
N PRO A 428 7.68 -20.89 -7.58
CA PRO A 428 9.15 -20.83 -7.58
C PRO A 428 9.76 -19.88 -6.54
N ILE A 429 8.92 -19.01 -5.96
CA ILE A 429 9.34 -18.06 -4.92
C ILE A 429 8.24 -17.97 -3.87
N GLY A 430 8.56 -17.39 -2.70
CA GLY A 430 7.58 -17.23 -1.64
C GLY A 430 7.79 -18.18 -0.47
N LEU A 431 7.11 -17.88 0.63
CA LEU A 431 7.11 -18.70 1.85
C LEU A 431 5.78 -19.46 1.94
N GLN A 432 5.63 -20.29 2.98
CA GLN A 432 4.41 -21.07 3.11
C GLN A 432 4.04 -21.35 4.55
N TRP A 433 4.60 -20.57 5.47
CA TRP A 433 4.28 -20.78 6.90
C TRP A 433 2.83 -20.42 7.28
N ARG A 434 2.12 -19.72 6.38
CA ARG A 434 0.67 -19.45 6.55
C ARG A 434 -0.14 -20.18 5.51
N GLY A 435 0.45 -21.23 4.93
CA GLY A 435 -0.21 -22.00 3.88
C GLY A 435 0.01 -21.27 2.55
N PHE A 436 -0.72 -21.67 1.51
CA PHE A 436 -0.62 -21.01 0.21
C PHE A 436 -1.70 -19.95 0.06
N VAL A 437 -1.39 -18.89 -0.65
CA VAL A 437 -2.37 -17.82 -0.85
C VAL A 437 -2.45 -17.53 -2.33
N ASN A 438 -3.42 -18.12 -2.98
CA ASN A 438 -3.63 -17.82 -4.39
C ASN A 438 -4.57 -16.60 -4.52
N THR A 439 -4.87 -16.19 -5.75
CA THR A 439 -5.68 -14.99 -5.99
C THR A 439 -7.07 -15.10 -5.37
N ASN A 440 -7.62 -16.32 -5.38
CA ASN A 440 -8.91 -16.60 -4.77
C ASN A 440 -8.89 -16.40 -3.23
N ARG A 441 -7.90 -17.00 -2.56
CA ARG A 441 -7.72 -16.80 -1.13
C ARG A 441 -7.49 -15.35 -0.76
N ALA A 442 -6.72 -14.64 -1.59
CA ALA A 442 -6.44 -13.23 -1.37
C ALA A 442 -7.72 -12.39 -1.45
N TYR A 443 -8.76 -12.96 -2.09
CA TYR A 443 -10.07 -12.27 -2.27
C TYR A 443 -11.15 -12.67 -1.25
N ASN A 444 -11.23 -13.97 -0.97
CA ASN A 444 -12.36 -14.56 -0.24
C ASN A 444 -12.23 -14.48 1.27
N TRP A 445 -12.31 -13.25 1.77
CA TRP A 445 -12.28 -13.00 3.21
C TRP A 445 -12.86 -11.62 3.50
N ASP A 446 -13.06 -11.30 4.78
CA ASP A 446 -13.49 -9.98 5.18
C ASP A 446 -12.74 -9.60 6.45
N PRO A 447 -12.39 -8.31 6.63
CA PRO A 447 -11.72 -7.87 7.86
C PRO A 447 -12.43 -8.27 9.15
N THR A 448 -13.76 -8.34 9.12
CA THR A 448 -14.54 -8.78 10.28
C THR A 448 -14.36 -10.26 10.59
N ASP A 449 -13.87 -11.04 9.62
CA ASP A 449 -13.49 -12.44 9.88
C ASP A 449 -12.35 -12.49 10.86
N CYS A 450 -11.43 -11.52 10.77
CA CYS A 450 -10.15 -11.57 11.48
C CYS A 450 -10.24 -11.25 12.97
N ILE A 451 -11.13 -10.31 13.31
CA ILE A 451 -11.30 -9.82 14.68
C ILE A 451 -12.73 -9.34 14.86
N LYS A 452 -13.33 -9.72 15.98
CA LYS A 452 -14.69 -9.33 16.31
C LYS A 452 -14.66 -8.29 17.42
N GLY A 453 -15.61 -7.35 17.38
CA GLY A 453 -15.76 -6.33 18.40
C GLY A 453 -14.71 -5.22 18.39
N ALA A 454 -14.04 -5.03 17.25
CA ALA A 454 -12.98 -4.03 17.16
C ALA A 454 -13.36 -2.85 16.26
N ASN A 455 -12.66 -1.74 16.46
CA ASN A 455 -12.67 -0.63 15.54
C ASN A 455 -11.64 -0.99 14.47
N ILE A 456 -12.13 -1.53 13.35
CA ILE A 456 -11.23 -1.93 12.26
C ILE A 456 -10.96 -0.74 11.35
N TYR A 457 -9.72 -0.28 11.40
CA TYR A 457 -9.24 0.86 10.63
C TYR A 457 -9.08 0.48 9.16
N GLY A 458 -8.56 -0.73 8.92
CA GLY A 458 -8.52 -1.25 7.56
C GLY A 458 -7.65 -2.47 7.41
N VAL A 459 -7.11 -2.62 6.21
CA VAL A 459 -6.38 -3.80 5.76
C VAL A 459 -4.98 -3.38 5.36
N GLU A 460 -4.00 -4.26 5.58
CA GLU A 460 -2.69 -4.05 4.96
C GLU A 460 -2.11 -5.35 4.40
N SER A 461 -1.77 -5.30 3.10
CA SER A 461 -1.11 -6.39 2.38
C SER A 461 0.36 -6.30 2.72
N THR A 462 0.95 -7.41 3.19
CA THR A 462 2.34 -7.37 3.59
C THR A 462 3.21 -8.14 2.60
N LEU A 463 4.14 -7.46 1.96
CA LEU A 463 5.07 -8.15 1.10
C LEU A 463 6.46 -8.24 1.74
N TRP A 464 6.64 -9.31 2.49
CA TRP A 464 7.94 -9.68 3.08
C TRP A 464 8.85 -10.19 1.99
N THR A 465 10.17 -9.98 2.14
CA THR A 465 11.06 -10.24 1.00
C THR A 465 12.21 -11.20 1.30
N GLU A 466 11.98 -12.18 2.18
CA GLU A 466 12.98 -13.25 2.40
C GLU A 466 13.41 -13.92 1.10
N THR A 467 12.46 -14.12 0.19
CA THR A 467 12.74 -14.88 -1.04
C THR A 467 12.61 -14.07 -2.33
N PHE A 468 12.42 -12.75 -2.21
CA PHE A 468 12.24 -11.88 -3.38
C PHE A 468 13.44 -10.99 -3.57
N VAL A 469 14.05 -11.09 -4.74
CA VAL A 469 15.34 -10.46 -5.00
C VAL A 469 15.19 -9.36 -6.04
N THR A 470 14.36 -9.59 -7.04
CA THR A 470 14.26 -8.65 -8.16
C THR A 470 12.89 -8.01 -8.22
N GLN A 471 12.79 -6.95 -9.01
CA GLN A 471 11.50 -6.34 -9.29
C GLN A 471 10.50 -7.37 -9.90
N ASP A 472 10.97 -8.24 -10.78
CA ASP A 472 10.09 -9.26 -11.34
C ASP A 472 9.46 -10.14 -10.27
N HIS A 473 10.20 -10.46 -9.21
CA HIS A 473 9.66 -11.24 -8.08
C HIS A 473 8.57 -10.48 -7.35
N LEU A 474 8.80 -9.21 -7.07
CA LEU A 474 7.75 -8.37 -6.47
C LEU A 474 6.48 -8.38 -7.31
N ASP A 475 6.63 -8.13 -8.61
CA ASP A 475 5.48 -8.08 -9.53
C ASP A 475 4.69 -9.38 -9.51
N TYR A 476 5.41 -10.49 -9.60
CA TYR A 476 4.81 -11.82 -9.64
C TYR A 476 3.93 -12.12 -8.41
N MET A 477 4.36 -11.67 -7.23
CA MET A 477 3.63 -11.97 -6.00
C MET A 477 2.51 -10.98 -5.69
N LEU A 478 2.73 -9.72 -6.06
CA LEU A 478 1.74 -8.67 -5.81
C LEU A 478 0.61 -8.67 -6.82
N TYR A 479 0.88 -9.18 -8.04
CA TYR A 479 -0.13 -9.12 -9.09
C TYR A 479 -0.35 -10.52 -9.65
N PRO A 480 -1.58 -11.03 -9.56
CA PRO A 480 -2.79 -10.32 -9.14
C PRO A 480 -3.23 -10.26 -7.66
N LYS A 481 -2.47 -10.86 -6.74
CA LYS A 481 -2.89 -10.94 -5.33
C LYS A 481 -3.32 -9.63 -4.68
N LEU A 482 -2.56 -8.56 -4.96
CA LEU A 482 -2.84 -7.26 -4.36
C LEU A 482 -4.17 -6.73 -4.83
N LEU A 483 -4.52 -7.04 -6.08
CA LEU A 483 -5.81 -6.62 -6.65
C LEU A 483 -6.97 -7.18 -5.82
N SER A 484 -6.83 -8.43 -5.39
CA SER A 484 -7.83 -9.07 -4.52
C SER A 484 -7.92 -8.32 -3.20
N ASN A 485 -6.76 -8.09 -2.56
CA ASN A 485 -6.69 -7.38 -1.29
C ASN A 485 -7.26 -5.96 -1.39
N ALA A 486 -6.89 -5.24 -2.46
CA ALA A 486 -7.39 -3.88 -2.73
C ALA A 486 -8.92 -3.82 -2.80
N GLU A 487 -9.54 -4.81 -3.43
CA GLU A 487 -11.01 -4.86 -3.47
C GLU A 487 -11.64 -5.16 -2.09
N VAL A 488 -11.02 -6.07 -1.34
CA VAL A 488 -11.43 -6.28 0.08
C VAL A 488 -11.43 -5.01 0.92
N GLY A 489 -10.46 -4.12 0.70
CA GLY A 489 -10.39 -2.86 1.43
C GLY A 489 -11.40 -1.83 0.97
N TRP A 490 -11.63 -1.77 -0.34
CA TRP A 490 -12.47 -0.72 -0.94
C TRP A 490 -13.95 -1.09 -1.03
N THR A 491 -14.22 -2.25 -1.62
CA THR A 491 -15.57 -2.65 -1.97
C THR A 491 -16.29 -3.28 -0.77
N ALA A 492 -17.54 -2.87 -0.57
CA ALA A 492 -18.36 -3.40 0.52
C ALA A 492 -18.53 -4.91 0.36
N ARG A 493 -18.54 -5.61 1.49
CA ARG A 493 -18.62 -7.08 1.49
C ARG A 493 -19.83 -7.62 0.72
N GLY A 494 -20.98 -6.95 0.88
CA GLY A 494 -22.18 -7.36 0.17
C GLY A 494 -22.07 -7.29 -1.34
N ASP A 495 -21.13 -6.50 -1.86
CA ASP A 495 -20.95 -6.37 -3.31
C ASP A 495 -19.78 -7.22 -3.83
N ARG A 496 -19.12 -7.97 -2.94
CA ARG A 496 -17.97 -8.76 -3.33
C ARG A 496 -18.38 -10.19 -3.61
N ASN A 497 -17.83 -10.76 -4.68
CA ASN A 497 -18.23 -12.07 -5.14
C ASN A 497 -17.09 -12.60 -6.04
N TRP A 498 -16.54 -13.74 -5.67
CA TRP A 498 -15.37 -14.26 -6.39
C TRP A 498 -15.64 -14.50 -7.88
N ASP A 499 -16.79 -15.10 -8.18
CA ASP A 499 -17.14 -15.40 -9.58
C ASP A 499 -17.15 -14.15 -10.43
N ASP A 500 -17.69 -13.06 -9.88
CA ASP A 500 -17.69 -11.75 -10.53
C ASP A 500 -16.24 -11.20 -10.69
N PHE A 501 -15.51 -11.13 -9.58
CA PHE A 501 -14.13 -10.58 -9.58
C PHE A 501 -13.23 -11.35 -10.52
N LYS A 502 -13.35 -12.68 -10.49
CA LYS A 502 -12.59 -13.57 -11.37
C LYS A 502 -12.75 -13.16 -12.84
N GLU A 503 -14.00 -12.98 -13.28
CA GLU A 503 -14.27 -12.63 -14.67
C GLU A 503 -13.73 -11.24 -15.00
N ARG A 504 -13.92 -10.30 -14.06
CA ARG A 504 -13.37 -8.95 -14.17
C ARG A 504 -11.84 -8.93 -14.25
N LEU A 505 -11.21 -9.79 -13.48
CA LEU A 505 -9.77 -9.92 -13.51
C LEU A 505 -9.26 -10.40 -14.88
N ILE A 506 -9.94 -11.36 -15.50
CA ILE A 506 -9.61 -11.80 -16.87
C ILE A 506 -9.63 -10.59 -17.82
N GLU A 507 -10.69 -9.81 -17.73
CA GLU A 507 -10.88 -8.64 -18.57
C GLU A 507 -9.74 -7.63 -18.36
N HIS A 508 -9.27 -7.53 -17.12
CA HIS A 508 -8.26 -6.59 -16.70
C HIS A 508 -6.87 -7.00 -17.15
N THR A 509 -6.69 -8.28 -17.46
CA THR A 509 -5.33 -8.81 -17.69
C THR A 509 -4.48 -8.02 -18.69
N PRO A 510 -5.05 -7.66 -19.86
CA PRO A 510 -4.27 -6.85 -20.82
C PRO A 510 -3.76 -5.53 -20.22
N ARG A 511 -4.46 -5.00 -19.21
CA ARG A 511 -4.01 -3.76 -18.62
C ARG A 511 -2.76 -3.97 -17.76
N LEU A 512 -2.71 -5.11 -17.07
CA LEU A 512 -1.50 -5.53 -16.35
C LEU A 512 -0.32 -5.67 -17.30
N GLN A 513 -0.56 -6.36 -18.42
CA GLN A 513 0.42 -6.49 -19.51
C GLN A 513 0.94 -5.09 -19.93
N ASN A 514 0.01 -4.19 -20.22
CA ASN A 514 0.31 -2.85 -20.73
C ASN A 514 1.17 -2.02 -19.77
N LYS A 515 0.95 -2.22 -18.47
CA LYS A 515 1.69 -1.48 -17.42
C LYS A 515 3.11 -2.05 -17.23
N GLY A 516 3.41 -3.15 -17.90
CA GLY A 516 4.72 -3.77 -17.80
C GLY A 516 4.87 -4.60 -16.54
N ILE A 517 3.75 -4.99 -15.93
CA ILE A 517 3.77 -5.79 -14.71
C ILE A 517 4.00 -7.27 -15.02
N LYS A 518 5.03 -7.85 -14.43
CA LYS A 518 5.35 -9.27 -14.63
C LYS A 518 4.55 -10.14 -13.65
N PHE A 519 3.23 -10.11 -13.82
CA PHE A 519 2.26 -10.78 -12.94
C PHE A 519 2.32 -12.29 -13.09
N PHE A 520 1.81 -13.00 -12.09
CA PHE A 520 1.62 -14.43 -12.24
C PHE A 520 0.27 -14.72 -12.89
N ALA A 521 0.28 -15.53 -13.97
CA ALA A 521 -0.97 -15.93 -14.63
C ALA A 521 -1.59 -17.08 -13.84
N ASP A 522 -2.34 -16.71 -12.80
CA ASP A 522 -2.87 -17.68 -11.84
C ASP A 522 -3.89 -18.62 -12.50
N PRO A 523 -3.64 -19.94 -12.44
CA PRO A 523 -4.55 -20.93 -13.00
C PRO A 523 -5.96 -20.96 -12.40
N ILE A 524 -6.17 -20.28 -11.28
CA ILE A 524 -7.50 -20.23 -10.68
C ILE A 524 -8.32 -19.10 -11.34
N VAL A 525 -7.66 -18.27 -12.13
CA VAL A 525 -8.36 -17.18 -12.82
C VAL A 525 -8.64 -17.54 -14.28
S SO4 B . -23.64 16.43 -23.15
O1 SO4 B . -22.57 16.78 -22.22
O2 SO4 B . -24.01 17.61 -23.93
O3 SO4 B . -23.18 15.30 -23.99
O4 SO4 B . -24.79 15.99 -22.36
C1 NGA C . 7.01 -13.22 10.12
C2 NGA C . 7.72 -11.88 10.43
C3 NGA C . 8.31 -11.16 9.21
C4 NGA C . 8.54 -12.15 8.05
C5 NGA C . 7.20 -12.79 7.66
C6 NGA C . 7.34 -13.80 6.53
C7 NGA C . 5.63 -10.59 10.76
C8 NGA C . 4.97 -9.53 11.59
N2 NGA C . 6.83 -10.99 11.20
O1 NGA C . 7.89 -14.32 10.44
O3 NGA C . 9.53 -10.51 9.56
O4 NGA C . 9.47 -13.19 8.43
O5 NGA C . 6.53 -13.42 8.77
O6 NGA C . 6.01 -14.12 6.13
O7 NGA C . 5.10 -11.04 9.75
#